data_6ETE
#
_entry.id   6ETE
#
_cell.length_a   71.464
_cell.length_b   71.464
_cell.length_c   151.070
_cell.angle_alpha   90.000
_cell.angle_beta   90.000
_cell.angle_gamma   90.000
#
_symmetry.space_group_name_H-M   'P 43 21 2'
#
loop_
_entity.id
_entity.type
_entity.pdbx_description
1 polymer 'Lysine-specific demethylase 4D'
2 non-polymer 'ZINC ION'
3 non-polymer 'NICKEL (II) ION'
4 non-polymer 1,2-ETHANEDIOL
5 non-polymer 'SULFATE ION'
6 non-polymer [2-(1-methyl-1,2,3,4-tetrazol-4-ium-5-yl)ethanoylamino]azanium
7 water water
#
_entity_poly.entity_id   1
_entity_poly.type   'polypeptide(L)'
_entity_poly.pdbx_seq_one_letter_code
;METMKSKANCAQNPNCNIMIFHPTKEEFNDFDKYIAYMESQGAHRAGLAKIIPPKEWKARETYDNISEILIATPLQQVAS
GRAGVFTQYHKKKKAMTVGEYRHLANSKKYQTPPHQNFEDLERKYWKNRIYNSPIYGADISGSLFDENTKQWNLGHLGTI
QDLLEKECGVVIEGVNTPYLYFGMWKTTFAWHTEDMDLYSINYLHLGEPKTWYVVPPEHGQRLERLARELFPGSSRGCGA
FLRHKVALISPTVLKENGIPFNRITQEAGEFMVTFPYGYHAGFNHGFNCAEAINFATPRWIDYGKMASQCSCGEARVTFS
MDAFVRILQPERYDLWKRGQDR
;
_entity_poly.pdbx_strand_id   A
#
# COMPACT_ATOMS: atom_id res chain seq x y z
N ALA A 11 19.70 -8.83 18.48
CA ALA A 11 18.81 -8.33 17.41
C ALA A 11 17.55 -7.55 17.87
N GLN A 12 17.27 -6.41 17.23
CA GLN A 12 16.15 -5.57 17.64
C GLN A 12 14.84 -6.11 17.10
N ASN A 13 13.81 -5.95 17.89
CA ASN A 13 12.45 -6.38 17.52
C ASN A 13 12.35 -7.82 16.98
N PRO A 14 12.81 -8.80 17.79
CA PRO A 14 12.86 -10.14 17.26
C PRO A 14 11.47 -10.75 17.03
N ASN A 15 10.46 -10.33 17.73
CA ASN A 15 9.15 -10.89 17.52
C ASN A 15 8.44 -10.22 16.33
N CYS A 16 9.09 -9.26 15.71
CA CYS A 16 8.55 -8.60 14.53
C CYS A 16 7.24 -7.87 14.76
N ASN A 17 7.11 -7.23 15.90
CA ASN A 17 5.94 -6.45 16.21
C ASN A 17 5.93 -5.12 15.49
N ILE A 18 4.74 -4.61 15.22
CA ILE A 18 4.59 -3.33 14.58
C ILE A 18 4.91 -2.24 15.59
N MET A 19 5.86 -1.41 15.26
CA MET A 19 6.34 -0.37 16.15
C MET A 19 5.67 0.92 15.78
N ILE A 20 5.46 1.78 16.78
CA ILE A 20 4.86 3.09 16.62
C ILE A 20 5.83 4.10 17.09
N PHE A 21 6.06 5.17 16.29
CA PHE A 21 7.03 6.20 16.54
C PHE A 21 6.39 7.53 16.72
N HIS A 22 7.00 8.34 17.56
CA HIS A 22 6.50 9.68 17.88
C HIS A 22 7.67 10.65 17.77
N PRO A 23 8.13 10.99 16.53
CA PRO A 23 9.22 11.96 16.31
C PRO A 23 8.89 13.33 16.84
N THR A 24 9.93 13.98 17.38
CA THR A 24 9.81 15.34 17.70
C THR A 24 9.86 16.17 16.44
N LYS A 25 9.61 17.46 16.59
CA LYS A 25 9.67 18.30 15.35
C LYS A 25 11.10 18.40 14.82
N GLU A 26 12.11 18.29 15.69
CA GLU A 26 13.47 18.26 15.20
C GLU A 26 13.80 16.97 14.44
N GLU A 27 13.30 15.87 14.98
CA GLU A 27 13.48 14.60 14.36
C GLU A 27 12.74 14.44 13.05
N PHE A 28 11.74 15.24 12.83
CA PHE A 28 10.92 15.20 11.62
C PHE A 28 11.49 15.96 10.45
N ASN A 29 12.67 16.52 10.61
CA ASN A 29 13.26 17.29 9.55
C ASN A 29 13.91 16.48 8.47
N ASP A 30 14.63 15.45 8.83
CA ASP A 30 15.38 14.64 7.90
C ASP A 30 14.71 13.30 7.73
N PHE A 31 14.02 13.15 6.62
CA PHE A 31 13.26 11.94 6.38
C PHE A 31 14.12 10.70 6.34
N ASP A 32 15.14 10.68 5.53
N ASP A 32 15.13 10.69 5.53
CA ASP A 32 15.97 9.53 5.39
CA ASP A 32 15.96 9.55 5.39
C ASP A 32 16.59 9.13 6.71
C ASP A 32 16.60 9.13 6.70
N LYS A 33 17.05 10.09 7.48
CA LYS A 33 17.65 9.84 8.78
C LYS A 33 16.66 9.16 9.68
N TYR A 34 15.40 9.58 9.69
CA TYR A 34 14.43 8.91 10.54
C TYR A 34 14.07 7.49 10.07
N ILE A 35 13.98 7.26 8.78
CA ILE A 35 13.70 5.89 8.35
C ILE A 35 14.87 5.01 8.86
N ALA A 36 16.07 5.50 8.71
CA ALA A 36 17.25 4.73 9.17
C ALA A 36 17.20 4.49 10.70
N TYR A 37 16.80 5.46 11.44
CA TYR A 37 16.60 5.35 12.89
C TYR A 37 15.57 4.25 13.18
N MET A 38 14.41 4.28 12.52
N MET A 38 14.39 4.28 12.54
CA MET A 38 13.40 3.29 12.77
CA MET A 38 13.39 3.27 12.79
C MET A 38 13.98 1.89 12.52
C MET A 38 14.00 1.89 12.53
N GLU A 39 14.74 1.73 11.44
CA GLU A 39 15.33 0.42 11.12
C GLU A 39 16.36 0.02 12.23
N SER A 40 17.09 0.95 12.79
CA SER A 40 18.03 0.70 13.84
C SER A 40 17.36 0.11 15.02
N GLN A 41 16.09 0.41 15.21
CA GLN A 41 15.30 -0.12 16.30
C GLN A 41 14.53 -1.37 15.92
N GLY A 42 14.72 -1.87 14.72
CA GLY A 42 14.08 -3.10 14.32
C GLY A 42 12.74 -2.99 13.68
N ALA A 43 12.33 -1.78 13.35
CA ALA A 43 10.98 -1.59 12.76
C ALA A 43 10.68 -2.34 11.54
N HIS A 44 11.65 -2.49 10.68
CA HIS A 44 11.40 -3.18 9.44
C HIS A 44 11.08 -4.66 9.59
N ARG A 45 11.44 -5.24 10.70
CA ARG A 45 11.15 -6.63 10.90
C ARG A 45 9.68 -6.95 10.86
N ALA A 46 8.85 -6.03 11.28
CA ALA A 46 7.41 -6.23 11.19
C ALA A 46 6.89 -6.13 9.80
N GLY A 47 7.56 -5.37 8.92
CA GLY A 47 7.01 -5.08 7.65
C GLY A 47 6.28 -3.76 7.54
N LEU A 48 5.89 -3.20 8.64
CA LEU A 48 5.04 -2.02 8.69
C LEU A 48 5.34 -1.24 9.96
N ALA A 49 5.35 0.06 9.93
CA ALA A 49 5.46 0.91 11.10
C ALA A 49 4.50 2.06 11.01
N LYS A 50 4.02 2.51 12.16
CA LYS A 50 3.23 3.70 12.26
C LYS A 50 4.08 4.87 12.75
N ILE A 51 3.89 6.06 12.13
CA ILE A 51 4.58 7.28 12.55
C ILE A 51 3.53 8.35 12.84
N ILE A 52 3.50 8.84 14.07
CA ILE A 52 2.55 9.85 14.46
CA ILE A 52 2.61 9.90 14.54
C ILE A 52 3.37 11.19 14.40
N PRO A 53 2.94 12.13 13.56
CA PRO A 53 3.69 13.39 13.40
CA PRO A 53 3.77 13.33 13.42
C PRO A 53 3.71 14.22 14.68
N PRO A 54 4.76 15.03 14.89
CA PRO A 54 4.71 15.95 15.97
C PRO A 54 3.44 16.83 15.97
N LYS A 55 3.04 17.28 17.14
CA LYS A 55 1.86 18.05 17.30
C LYS A 55 1.86 19.38 16.59
N GLU A 56 3.05 19.88 16.34
CA GLU A 56 3.21 21.13 15.63
C GLU A 56 3.05 21.02 14.12
N TRP A 57 3.01 19.79 13.58
CA TRP A 57 3.00 19.63 12.14
C TRP A 57 1.56 19.51 11.58
N LYS A 58 1.42 19.92 10.34
CA LYS A 58 0.20 19.83 9.60
C LYS A 58 0.47 19.51 8.12
N ALA A 59 -0.31 18.63 7.48
CA ALA A 59 -0.15 18.40 6.06
C ALA A 59 -0.65 19.54 5.22
N ARG A 60 -1.73 20.16 5.62
CA ARG A 60 -2.26 21.31 4.91
C ARG A 60 -3.22 22.03 5.87
N GLU A 61 -3.61 23.25 5.54
CA GLU A 61 -4.48 23.99 6.41
C GLU A 61 -5.85 23.43 6.59
N THR A 62 -6.55 23.13 5.52
CA THR A 62 -7.89 22.53 5.62
C THR A 62 -8.14 21.66 4.44
N TYR A 63 -9.12 20.81 4.61
CA TYR A 63 -9.57 19.96 3.51
C TYR A 63 -10.93 20.46 2.97
N ASP A 64 -11.18 21.71 3.16
CA ASP A 64 -12.52 22.26 2.77
C ASP A 64 -12.67 22.42 1.34
N ASN A 65 -11.65 22.32 0.52
CA ASN A 65 -11.79 22.62 -0.85
C ASN A 65 -11.30 21.56 -1.77
N ILE A 66 -11.55 20.30 -1.39
CA ILE A 66 -11.07 19.17 -2.20
C ILE A 66 -12.20 18.49 -3.03
N SER A 67 -13.42 18.98 -2.99
CA SER A 67 -14.59 18.29 -3.55
CA SER A 67 -14.58 18.26 -3.56
C SER A 67 -14.61 18.22 -5.07
N GLU A 68 -13.85 19.06 -5.72
CA GLU A 68 -13.83 19.13 -7.15
C GLU A 68 -12.75 18.30 -7.82
N ILE A 69 -11.91 17.68 -7.04
CA ILE A 69 -11.01 16.67 -7.61
C ILE A 69 -11.87 15.62 -8.30
N LEU A 70 -11.39 15.15 -9.46
CA LEU A 70 -12.10 14.16 -10.23
C LEU A 70 -11.46 12.80 -10.00
N ILE A 71 -12.35 11.85 -9.80
CA ILE A 71 -12.09 10.43 -9.81
C ILE A 71 -12.49 9.91 -11.21
N ALA A 72 -11.57 9.89 -12.13
CA ALA A 72 -11.89 9.57 -13.54
C ALA A 72 -12.45 8.20 -13.76
N THR A 73 -11.96 7.27 -12.99
CA THR A 73 -12.36 5.90 -13.13
C THR A 73 -12.55 5.20 -11.77
N PRO A 74 -13.67 5.54 -11.10
CA PRO A 74 -14.00 4.72 -9.89
C PRO A 74 -14.08 3.25 -10.16
N LEU A 75 -13.65 2.44 -9.18
CA LEU A 75 -13.58 0.96 -9.40
C LEU A 75 -14.49 0.30 -8.37
N GLN A 76 -15.36 -0.56 -8.86
CA GLN A 76 -16.27 -1.36 -7.99
C GLN A 76 -15.58 -2.70 -7.69
N GLN A 77 -15.37 -2.99 -6.41
CA GLN A 77 -14.56 -4.17 -6.06
C GLN A 77 -15.48 -5.38 -5.77
N VAL A 78 -15.64 -6.22 -6.75
CA VAL A 78 -16.58 -7.33 -6.71
C VAL A 78 -15.83 -8.57 -6.26
N ALA A 79 -16.34 -9.27 -5.27
CA ALA A 79 -15.68 -10.42 -4.70
C ALA A 79 -16.17 -11.77 -5.20
N SER A 80 -15.32 -12.76 -5.26
N SER A 80 -15.31 -12.77 -5.10
CA SER A 80 -15.72 -14.16 -5.44
CA SER A 80 -15.55 -14.13 -5.60
C SER A 80 -14.99 -15.00 -4.48
C SER A 80 -14.89 -15.15 -4.64
N GLY A 81 -15.63 -16.09 -4.03
CA GLY A 81 -15.00 -17.06 -3.10
C GLY A 81 -15.76 -17.19 -1.86
N ARG A 82 -15.03 -17.48 -0.85
CA ARG A 82 -15.68 -17.58 0.48
CA ARG A 82 -15.71 -17.52 0.44
C ARG A 82 -15.28 -16.28 1.42
N ALA A 83 -15.89 -16.25 2.56
CA ALA A 83 -15.72 -15.05 3.38
C ALA A 83 -14.30 -14.83 3.76
N GLY A 84 -13.55 -15.91 4.06
CA GLY A 84 -12.20 -15.70 4.46
C GLY A 84 -11.14 -15.92 3.39
N VAL A 85 -11.50 -16.34 2.20
CA VAL A 85 -10.58 -16.62 1.13
C VAL A 85 -11.31 -16.26 -0.15
N PHE A 86 -10.94 -15.10 -0.71
CA PHE A 86 -11.67 -14.61 -1.84
C PHE A 86 -10.75 -13.81 -2.71
N THR A 87 -11.18 -13.60 -3.97
CA THR A 87 -10.56 -12.64 -4.85
C THR A 87 -11.52 -11.55 -5.16
N GLN A 88 -10.97 -10.46 -5.67
CA GLN A 88 -11.74 -9.34 -6.09
C GLN A 88 -11.30 -8.83 -7.46
N TYR A 89 -12.25 -8.39 -8.24
CA TYR A 89 -11.98 -7.80 -9.51
C TYR A 89 -12.57 -6.41 -9.53
N HIS A 90 -12.04 -5.56 -10.39
CA HIS A 90 -12.37 -4.18 -10.38
CA HIS A 90 -12.36 -4.20 -10.34
C HIS A 90 -13.15 -3.89 -11.58
N LYS A 91 -14.39 -3.51 -11.40
CA LYS A 91 -15.28 -3.07 -12.49
C LYS A 91 -15.32 -1.52 -12.62
N LYS A 92 -15.05 -1.02 -13.79
CA LYS A 92 -15.00 0.39 -14.00
C LYS A 92 -16.34 1.05 -14.00
N LYS A 93 -16.42 2.19 -13.34
CA LYS A 93 -17.62 2.97 -13.24
C LYS A 93 -17.40 4.34 -13.84
N LYS A 94 -18.47 5.07 -14.02
CA LYS A 94 -18.39 6.40 -14.56
C LYS A 94 -17.72 7.39 -13.60
N ALA A 95 -17.06 8.38 -14.18
CA ALA A 95 -16.36 9.38 -13.41
C ALA A 95 -17.23 10.12 -12.43
N MET A 96 -16.67 10.53 -11.31
N MET A 96 -16.65 10.46 -11.27
CA MET A 96 -17.38 11.34 -10.36
CA MET A 96 -17.33 11.21 -10.21
C MET A 96 -16.37 12.18 -9.57
C MET A 96 -16.33 12.21 -9.66
N THR A 97 -16.82 13.30 -9.09
CA THR A 97 -15.96 14.13 -8.31
C THR A 97 -15.81 13.53 -6.89
N VAL A 98 -14.86 14.03 -6.16
CA VAL A 98 -14.68 13.68 -4.74
C VAL A 98 -15.91 14.03 -3.92
N GLY A 99 -16.58 15.12 -4.21
CA GLY A 99 -17.77 15.41 -3.45
C GLY A 99 -18.89 14.46 -3.74
N GLU A 100 -19.02 14.06 -4.98
CA GLU A 100 -20.00 13.08 -5.37
C GLU A 100 -19.69 11.73 -4.72
N TYR A 101 -18.43 11.38 -4.70
CA TYR A 101 -17.98 10.13 -4.10
C TYR A 101 -18.27 10.09 -2.59
N ARG A 102 -18.01 11.18 -1.92
CA ARG A 102 -18.28 11.28 -0.49
C ARG A 102 -19.77 11.06 -0.20
N HIS A 103 -20.60 11.70 -0.96
CA HIS A 103 -22.00 11.52 -0.81
C HIS A 103 -22.39 10.04 -1.06
N LEU A 104 -21.84 9.38 -2.07
CA LEU A 104 -22.07 7.99 -2.26
C LEU A 104 -21.61 7.10 -1.09
N ALA A 105 -20.45 7.37 -0.57
CA ALA A 105 -19.90 6.55 0.53
C ALA A 105 -20.78 6.66 1.76
N ASN A 106 -21.44 7.82 1.94
CA ASN A 106 -22.34 8.11 3.06
C ASN A 106 -23.74 7.67 2.82
N SER A 107 -24.08 7.16 1.67
CA SER A 107 -25.43 6.72 1.44
C SER A 107 -25.81 5.45 2.19
N LYS A 108 -27.10 5.18 2.26
CA LYS A 108 -27.51 4.03 3.03
C LYS A 108 -26.89 2.73 2.51
N LYS A 109 -26.71 2.59 1.18
CA LYS A 109 -26.17 1.40 0.55
C LYS A 109 -24.71 1.11 0.91
N TYR A 110 -23.92 2.20 1.13
CA TYR A 110 -22.53 2.08 1.29
C TYR A 110 -21.97 2.49 2.64
N GLN A 111 -22.72 3.12 3.52
CA GLN A 111 -22.15 3.68 4.75
CA GLN A 111 -22.16 3.68 4.72
C GLN A 111 -21.76 2.62 5.73
N THR A 112 -20.78 2.99 6.59
CA THR A 112 -20.35 2.07 7.69
C THR A 112 -21.51 1.76 8.60
N PRO A 113 -21.66 0.46 8.95
CA PRO A 113 -22.76 0.07 9.83
C PRO A 113 -22.52 0.53 11.27
N PRO A 114 -23.57 0.58 12.09
CA PRO A 114 -23.36 0.80 13.51
C PRO A 114 -22.40 -0.26 14.05
N HIS A 115 -21.52 0.11 14.97
CA HIS A 115 -20.60 -0.86 15.55
C HIS A 115 -20.05 -0.41 16.89
N GLN A 116 -19.56 -1.31 17.72
CA GLN A 116 -19.08 -0.92 19.04
C GLN A 116 -17.69 -0.25 19.12
N ASN A 117 -16.74 -0.83 18.38
CA ASN A 117 -15.34 -0.40 18.35
C ASN A 117 -14.64 -0.98 17.15
N PHE A 118 -13.34 -0.73 16.95
CA PHE A 118 -12.68 -1.20 15.76
C PHE A 118 -12.72 -2.77 15.65
N GLU A 119 -12.60 -3.51 16.76
CA GLU A 119 -12.73 -5.00 16.76
CA GLU A 119 -12.70 -4.99 16.70
C GLU A 119 -14.07 -5.52 16.17
N ASP A 120 -15.16 -4.90 16.57
CA ASP A 120 -16.53 -5.31 16.19
C ASP A 120 -16.60 -4.97 14.68
N LEU A 121 -16.04 -3.85 14.22
CA LEU A 121 -16.13 -3.53 12.78
C LEU A 121 -15.29 -4.50 11.99
N GLU A 122 -14.15 -4.88 12.49
CA GLU A 122 -13.30 -5.91 11.85
C GLU A 122 -14.04 -7.22 11.69
N ARG A 123 -14.78 -7.61 12.75
CA ARG A 123 -15.55 -8.82 12.66
CA ARG A 123 -15.54 -8.83 12.63
C ARG A 123 -16.58 -8.71 11.53
N LYS A 124 -17.27 -7.57 11.48
CA LYS A 124 -18.27 -7.37 10.44
C LYS A 124 -17.68 -7.33 9.02
N TYR A 125 -16.53 -6.75 8.90
CA TYR A 125 -15.82 -6.72 7.61
C TYR A 125 -15.62 -8.15 7.12
N TRP A 126 -14.98 -9.01 7.93
CA TRP A 126 -14.64 -10.31 7.48
C TRP A 126 -15.83 -11.22 7.31
N LYS A 127 -16.87 -10.98 8.10
CA LYS A 127 -18.08 -11.76 7.93
C LYS A 127 -18.79 -11.46 6.65
N ASN A 128 -18.87 -10.16 6.31
CA ASN A 128 -19.85 -9.66 5.30
C ASN A 128 -19.22 -9.04 4.07
N ARG A 129 -17.93 -8.83 4.00
CA ARG A 129 -17.35 -8.20 2.84
C ARG A 129 -17.74 -8.76 1.49
N ILE A 130 -17.76 -10.07 1.37
CA ILE A 130 -17.93 -10.67 0.06
C ILE A 130 -19.32 -10.33 -0.48
N TYR A 131 -20.28 -10.00 0.37
CA TYR A 131 -21.63 -9.80 -0.06
C TYR A 131 -21.94 -8.42 -0.55
N ASN A 132 -20.91 -7.57 -0.62
CA ASN A 132 -21.10 -6.22 -1.07
C ASN A 132 -20.04 -5.81 -2.07
N SER A 133 -20.26 -4.75 -2.87
CA SER A 133 -19.21 -4.38 -3.85
C SER A 133 -18.99 -2.86 -3.68
N PRO A 134 -18.12 -2.43 -2.73
CA PRO A 134 -17.83 -1.03 -2.55
C PRO A 134 -17.05 -0.45 -3.74
N ILE A 135 -17.08 0.88 -3.82
CA ILE A 135 -16.45 1.61 -4.93
C ILE A 135 -15.34 2.40 -4.38
N TYR A 136 -14.26 2.43 -5.10
CA TYR A 136 -13.16 3.25 -4.66
C TYR A 136 -12.35 3.91 -5.74
N GLY A 137 -11.71 4.99 -5.28
N GLY A 137 -11.71 5.00 -5.36
CA GLY A 137 -10.85 5.83 -6.13
CA GLY A 137 -10.96 5.77 -6.34
C GLY A 137 -9.42 5.40 -5.93
C GLY A 137 -9.51 5.62 -6.08
N ALA A 138 -8.74 4.96 -6.98
CA ALA A 138 -7.37 4.61 -6.81
C ALA A 138 -6.37 5.20 -7.77
N ASP A 139 -5.15 5.27 -7.29
CA ASP A 139 -4.04 5.58 -8.14
C ASP A 139 -4.35 6.89 -8.95
N ILE A 140 -4.87 7.91 -8.20
CA ILE A 140 -5.12 9.24 -8.82
C ILE A 140 -3.90 10.03 -8.67
N SER A 141 -3.12 10.30 -9.73
N SER A 141 -3.24 10.35 -9.76
CA SER A 141 -1.93 11.09 -9.55
CA SER A 141 -2.04 11.12 -9.63
C SER A 141 -2.26 12.45 -9.03
C SER A 141 -2.32 12.47 -8.99
N GLY A 142 -1.53 12.84 -7.96
CA GLY A 142 -1.74 14.10 -7.31
C GLY A 142 -1.24 14.09 -5.85
N SER A 143 -1.40 15.24 -5.22
CA SER A 143 -1.00 15.49 -3.83
C SER A 143 -1.95 16.48 -3.12
N LEU A 144 -2.12 16.22 -1.84
CA LEU A 144 -2.87 17.17 -0.96
C LEU A 144 -1.99 17.78 0.05
N PHE A 145 -0.70 17.61 -0.02
CA PHE A 145 0.15 18.37 0.87
C PHE A 145 0.29 19.78 0.39
N ASP A 146 0.35 20.70 1.33
CA ASP A 146 0.61 22.07 0.96
CA ASP A 146 0.60 22.11 1.01
C ASP A 146 2.06 22.26 0.49
N GLU A 147 2.33 23.07 -0.51
CA GLU A 147 3.69 23.30 -0.99
C GLU A 147 4.60 23.77 0.12
N ASN A 148 4.07 24.46 1.10
CA ASN A 148 4.87 24.94 2.23
C ASN A 148 5.06 24.01 3.39
N THR A 149 4.51 22.80 3.32
CA THR A 149 4.83 21.76 4.34
C THR A 149 6.13 21.16 3.95
N LYS A 150 7.12 21.40 4.80
CA LYS A 150 8.48 21.07 4.45
C LYS A 150 8.87 19.73 4.97
N GLN A 151 8.20 19.18 5.96
CA GLN A 151 8.63 17.91 6.60
C GLN A 151 7.67 16.80 6.14
N TRP A 152 8.17 15.68 5.67
CA TRP A 152 7.33 14.55 5.37
C TRP A 152 6.20 14.85 4.34
N ASN A 153 6.57 15.70 3.36
CA ASN A 153 5.76 16.00 2.25
C ASN A 153 6.00 14.96 1.21
N LEU A 154 4.98 14.15 0.96
CA LEU A 154 5.16 13.01 0.06
C LEU A 154 5.41 13.32 -1.39
N GLY A 155 5.22 14.56 -1.78
CA GLY A 155 5.61 15.01 -3.14
C GLY A 155 7.05 15.51 -3.21
N HIS A 156 7.77 15.57 -2.10
CA HIS A 156 9.12 16.12 -2.10
C HIS A 156 10.13 15.19 -1.55
N LEU A 157 9.91 13.91 -1.57
N LEU A 157 9.99 13.87 -1.60
CA LEU A 157 10.96 13.05 -1.22
CA LEU A 157 10.99 12.92 -0.99
C LEU A 157 11.88 13.24 -2.43
C LEU A 157 12.08 12.57 -2.01
N GLY A 158 13.11 12.77 -2.29
N GLY A 158 13.23 12.02 -1.56
CA GLY A 158 13.90 12.48 -3.45
CA GLY A 158 14.13 11.65 -2.62
C GLY A 158 13.13 11.36 -4.04
C GLY A 158 13.54 10.71 -3.67
N THR A 159 13.80 10.83 -5.03
CA THR A 159 13.18 9.90 -6.00
C THR A 159 13.94 8.58 -6.01
N ILE A 160 13.22 7.52 -6.40
CA ILE A 160 13.87 6.23 -6.46
CA ILE A 160 13.89 6.20 -6.51
C ILE A 160 15.01 6.25 -7.52
N GLN A 161 14.79 7.01 -8.60
CA GLN A 161 15.80 7.13 -9.68
C GLN A 161 17.07 7.76 -9.12
N ASP A 162 16.88 8.77 -8.31
CA ASP A 162 18.03 9.40 -7.73
C ASP A 162 18.73 8.47 -6.74
N LEU A 163 17.98 7.66 -6.01
CA LEU A 163 18.59 6.66 -5.12
C LEU A 163 19.43 5.67 -5.90
N LEU A 164 18.84 5.15 -6.99
CA LEU A 164 19.58 4.17 -7.78
CA LEU A 164 19.64 4.22 -7.82
C LEU A 164 20.85 4.83 -8.38
N GLU A 165 20.79 6.07 -8.80
CA GLU A 165 21.97 6.75 -9.29
C GLU A 165 23.02 6.95 -8.23
N LYS A 166 22.61 7.35 -7.06
CA LYS A 166 23.53 7.57 -5.96
C LYS A 166 24.20 6.29 -5.49
N GLU A 167 23.46 5.21 -5.45
CA GLU A 167 24.02 3.95 -5.01
C GLU A 167 24.79 3.17 -6.05
N CYS A 168 24.33 3.15 -7.27
CA CYS A 168 24.91 2.35 -8.30
C CYS A 168 25.59 3.05 -9.47
N GLY A 169 25.49 4.36 -9.48
CA GLY A 169 26.14 5.16 -10.47
C GLY A 169 25.54 5.40 -11.80
N VAL A 170 24.38 4.85 -12.09
CA VAL A 170 23.80 5.08 -13.39
C VAL A 170 22.52 5.85 -13.33
N VAL A 171 22.40 6.70 -14.32
CA VAL A 171 21.33 7.57 -14.50
C VAL A 171 20.28 6.85 -15.31
N ILE A 172 19.04 6.93 -14.87
CA ILE A 172 17.95 6.33 -15.58
C ILE A 172 16.78 7.29 -15.73
N GLU A 173 15.95 6.98 -16.69
CA GLU A 173 14.76 7.73 -16.96
C GLU A 173 13.75 7.34 -15.89
N GLY A 174 12.71 8.12 -15.78
CA GLY A 174 11.57 7.87 -14.89
C GLY A 174 11.37 8.96 -13.91
N VAL A 175 10.14 8.88 -13.34
N VAL A 175 10.13 9.28 -13.55
CA VAL A 175 9.74 9.78 -12.30
CA VAL A 175 9.86 10.13 -12.39
C VAL A 175 9.02 9.04 -11.24
C VAL A 175 8.72 9.56 -11.62
N ASN A 176 8.73 9.69 -10.15
N ASN A 176 8.85 9.34 -10.30
CA ASN A 176 8.23 9.06 -8.93
CA ASN A 176 7.71 8.93 -9.46
C ASN A 176 7.28 10.05 -8.28
C ASN A 176 7.19 10.10 -8.70
N THR A 177 5.91 10.04 -8.55
CA THR A 177 5.07 11.03 -7.90
C THR A 177 4.00 10.36 -7.09
N PRO A 178 3.39 11.08 -6.18
CA PRO A 178 2.38 10.49 -5.28
C PRO A 178 1.05 10.25 -5.99
N TYR A 179 0.29 9.42 -5.30
CA TYR A 179 -1.05 9.06 -5.65
C TYR A 179 -2.06 9.23 -4.51
N LEU A 180 -3.26 9.56 -4.90
CA LEU A 180 -4.37 9.71 -4.00
C LEU A 180 -5.33 8.54 -4.13
N TYR A 181 -5.90 8.17 -3.00
CA TYR A 181 -6.84 7.09 -2.85
C TYR A 181 -8.05 7.54 -2.04
N PHE A 182 -9.24 7.37 -2.58
CA PHE A 182 -10.46 7.72 -1.91
C PHE A 182 -11.16 6.41 -1.64
N GLY A 183 -11.48 6.19 -0.38
CA GLY A 183 -12.04 4.93 0.07
C GLY A 183 -13.41 5.09 0.74
N MET A 184 -14.11 3.92 0.92
CA MET A 184 -15.34 3.90 1.62
C MET A 184 -15.35 2.59 2.42
N TRP A 185 -16.38 2.41 3.25
CA TRP A 185 -16.54 1.17 3.99
C TRP A 185 -16.33 0.01 3.08
N LYS A 186 -15.54 -0.93 3.53
CA LYS A 186 -15.23 -2.24 2.91
C LYS A 186 -14.28 -2.13 1.74
N THR A 187 -13.91 -0.96 1.24
CA THR A 187 -12.89 -0.85 0.24
CA THR A 187 -12.93 -1.00 0.19
C THR A 187 -11.65 -1.60 0.71
N THR A 188 -11.05 -2.42 -0.12
CA THR A 188 -10.09 -3.45 0.28
C THR A 188 -8.85 -3.34 -0.56
N PHE A 189 -7.71 -3.49 0.09
CA PHE A 189 -6.42 -3.65 -0.57
C PHE A 189 -5.97 -5.10 -0.34
N ALA A 190 -5.74 -5.80 -1.44
CA ALA A 190 -5.39 -7.19 -1.43
C ALA A 190 -3.96 -7.40 -1.00
N TRP A 191 -3.68 -8.66 -0.62
CA TRP A 191 -2.31 -9.04 -0.18
C TRP A 191 -1.28 -8.77 -1.25
N HIS A 192 -0.27 -8.00 -0.94
CA HIS A 192 0.79 -7.74 -1.91
C HIS A 192 1.98 -7.15 -1.21
N THR A 193 3.14 -7.17 -1.93
CA THR A 193 4.30 -6.29 -1.66
C THR A 193 4.32 -5.21 -2.73
N GLU A 194 5.14 -4.22 -2.56
CA GLU A 194 5.15 -3.20 -3.57
C GLU A 194 5.90 -3.60 -4.82
N ASP A 195 5.74 -2.82 -5.88
CA ASP A 195 6.47 -3.08 -7.08
C ASP A 195 7.96 -3.13 -6.72
N MET A 196 8.65 -4.05 -7.35
CA MET A 196 10.01 -4.19 -7.03
CA MET A 196 10.03 -4.21 -7.03
C MET A 196 10.54 -4.34 -5.50
N ASP A 197 9.50 -4.74 -4.74
CA ASP A 197 9.67 -4.81 -3.30
C ASP A 197 10.22 -3.51 -2.73
N LEU A 198 9.72 -2.39 -3.22
CA LEU A 198 10.04 -1.07 -2.67
C LEU A 198 9.38 -0.86 -1.31
N TYR A 199 9.83 0.22 -0.64
CA TYR A 199 9.09 0.70 0.52
C TYR A 199 7.84 1.46 -0.04
N SER A 200 6.85 1.65 0.86
N SER A 200 6.87 1.66 0.83
CA SER A 200 5.82 2.62 0.68
CA SER A 200 5.84 2.66 0.59
C SER A 200 5.64 3.47 1.88
C SER A 200 5.50 3.43 1.84
N ILE A 201 5.15 4.70 1.68
CA ILE A 201 4.65 5.56 2.73
C ILE A 201 3.30 6.07 2.37
N ASN A 202 2.43 6.05 3.40
CA ASN A 202 1.00 6.29 3.25
CA ASN A 202 1.00 6.30 3.26
C ASN A 202 0.55 7.23 4.35
N TYR A 203 -0.03 8.35 3.92
CA TYR A 203 -0.59 9.31 4.88
C TYR A 203 -2.08 9.37 4.75
N LEU A 204 -2.77 9.16 5.89
CA LEU A 204 -4.23 9.22 5.93
C LEU A 204 -4.64 10.65 6.18
N HIS A 205 -5.01 11.37 5.07
CA HIS A 205 -5.32 12.82 5.15
C HIS A 205 -6.55 13.13 5.96
N LEU A 206 -7.62 12.37 5.75
N LEU A 206 -7.62 12.38 5.75
CA LEU A 206 -8.98 12.79 6.09
CA LEU A 206 -8.90 12.73 6.35
C LEU A 206 -9.90 11.56 6.22
C LEU A 206 -9.76 11.50 6.35
N GLY A 207 -10.76 11.56 7.21
CA GLY A 207 -11.83 10.58 7.28
C GLY A 207 -11.62 9.43 8.17
N GLU A 208 -12.31 8.35 7.86
CA GLU A 208 -12.38 7.23 8.76
C GLU A 208 -11.16 6.31 8.65
N PRO A 209 -10.92 5.40 9.62
CA PRO A 209 -9.65 4.68 9.61
C PRO A 209 -9.47 3.67 8.51
N LYS A 210 -8.25 3.14 8.49
CA LYS A 210 -7.80 2.09 7.62
C LYS A 210 -7.14 1.00 8.48
N THR A 211 -7.61 -0.23 8.43
CA THR A 211 -7.00 -1.35 9.13
C THR A 211 -6.00 -2.05 8.22
N TRP A 212 -4.86 -2.36 8.73
CA TRP A 212 -3.80 -3.03 8.05
C TRP A 212 -3.42 -4.38 8.67
N TYR A 213 -3.05 -5.29 7.81
CA TYR A 213 -2.51 -6.59 8.14
C TYR A 213 -1.16 -6.70 7.43
N VAL A 214 -0.17 -7.28 8.10
CA VAL A 214 1.15 -7.38 7.56
C VAL A 214 1.90 -8.65 7.99
N VAL A 215 2.61 -9.25 7.05
CA VAL A 215 3.49 -10.39 7.34
C VAL A 215 4.92 -9.94 7.40
N PRO A 216 5.68 -10.33 8.41
CA PRO A 216 7.09 -9.97 8.43
C PRO A 216 7.82 -10.42 7.19
N PRO A 217 8.68 -9.48 6.70
CA PRO A 217 9.45 -9.85 5.51
C PRO A 217 10.16 -11.20 5.57
N GLU A 218 10.69 -11.54 6.72
CA GLU A 218 11.40 -12.80 6.85
C GLU A 218 10.50 -14.01 6.66
N HIS A 219 9.21 -13.80 6.72
CA HIS A 219 8.25 -14.86 6.56
C HIS A 219 7.34 -14.74 5.33
N GLY A 220 7.67 -13.84 4.44
CA GLY A 220 6.89 -13.67 3.24
C GLY A 220 6.66 -14.91 2.42
N GLN A 221 7.69 -15.74 2.31
N GLN A 221 7.67 -15.76 2.30
CA GLN A 221 7.57 -17.00 1.58
CA GLN A 221 7.48 -17.00 1.54
C GLN A 221 6.50 -17.89 2.13
C GLN A 221 6.50 -17.94 2.14
N ARG A 222 6.21 -17.84 3.44
CA ARG A 222 5.15 -18.64 4.08
C ARG A 222 3.81 -18.17 3.56
N LEU A 223 3.59 -16.86 3.45
CA LEU A 223 2.35 -16.38 2.92
CA LEU A 223 2.37 -16.34 2.90
C LEU A 223 2.20 -16.81 1.45
N GLU A 224 3.27 -16.69 0.67
CA GLU A 224 3.25 -17.13 -0.71
C GLU A 224 2.85 -18.56 -0.87
N ARG A 225 3.43 -19.44 -0.05
CA ARG A 225 3.06 -20.83 -0.11
CA ARG A 225 3.07 -20.84 -0.12
C ARG A 225 1.61 -21.10 0.20
N LEU A 226 1.09 -20.47 1.22
CA LEU A 226 -0.35 -20.57 1.56
C LEU A 226 -1.20 -20.08 0.38
N ALA A 227 -0.83 -18.93 -0.20
CA ALA A 227 -1.61 -18.39 -1.30
C ALA A 227 -1.62 -19.32 -2.43
N ARG A 228 -0.49 -19.92 -2.69
CA ARG A 228 -0.55 -20.99 -3.87
CA ARG A 228 -0.56 -20.97 -3.86
C ARG A 228 -1.54 -22.21 -3.61
N GLU A 229 -1.69 -22.56 -2.35
CA GLU A 229 -2.59 -23.61 -1.95
C GLU A 229 -4.04 -23.18 -1.98
N LEU A 230 -4.28 -21.95 -1.59
CA LEU A 230 -5.62 -21.40 -1.54
C LEU A 230 -6.20 -20.89 -2.88
N PHE A 231 -5.33 -20.55 -3.80
CA PHE A 231 -5.68 -20.03 -5.11
C PHE A 231 -4.92 -20.83 -6.13
N PRO A 232 -5.23 -22.10 -6.22
CA PRO A 232 -4.43 -22.94 -7.11
C PRO A 232 -4.43 -22.66 -8.60
N GLY A 233 -5.53 -22.26 -9.15
CA GLY A 233 -5.57 -21.91 -10.55
C GLY A 233 -4.76 -20.67 -10.83
N SER A 234 -4.91 -19.69 -10.00
CA SER A 234 -4.10 -18.46 -10.14
C SER A 234 -2.64 -18.76 -10.08
N SER A 235 -2.26 -19.64 -9.15
CA SER A 235 -0.88 -19.95 -9.01
C SER A 235 -0.36 -20.66 -10.28
N ARG A 236 -1.16 -21.53 -10.92
CA ARG A 236 -0.75 -22.16 -12.09
C ARG A 236 -0.55 -21.15 -13.22
N GLY A 237 -1.36 -20.14 -13.24
CA GLY A 237 -1.30 -19.12 -14.27
C GLY A 237 -0.15 -18.12 -14.22
N CYS A 238 0.43 -17.94 -13.04
CA CYS A 238 1.49 -16.96 -12.82
C CYS A 238 2.23 -17.31 -11.54
N GLY A 239 3.53 -17.41 -11.65
CA GLY A 239 4.37 -17.67 -10.52
C GLY A 239 4.48 -16.53 -9.53
N ALA A 240 3.90 -15.39 -9.82
CA ALA A 240 3.91 -14.23 -8.95
C ALA A 240 2.54 -13.58 -8.93
N PHE A 241 1.50 -14.39 -8.87
CA PHE A 241 0.14 -13.87 -8.93
C PHE A 241 -0.31 -12.89 -7.87
N LEU A 242 0.36 -12.85 -6.75
CA LEU A 242 -0.02 -11.90 -5.71
C LEU A 242 0.23 -10.47 -6.24
N ARG A 243 1.08 -10.35 -7.22
CA ARG A 243 1.33 -9.06 -7.83
C ARG A 243 0.14 -8.56 -8.58
N HIS A 244 -0.83 -9.43 -8.81
CA HIS A 244 -2.02 -8.99 -9.48
C HIS A 244 -2.91 -8.21 -8.55
N LYS A 245 -2.64 -8.27 -7.27
CA LYS A 245 -3.39 -7.56 -6.28
C LYS A 245 -4.87 -7.83 -6.26
N VAL A 246 -5.22 -9.09 -6.16
CA VAL A 246 -6.61 -9.50 -6.13
C VAL A 246 -6.99 -10.52 -5.05
N ALA A 247 -6.04 -11.03 -4.33
CA ALA A 247 -6.29 -12.06 -3.34
C ALA A 247 -6.36 -11.63 -1.89
N LEU A 248 -7.41 -12.08 -1.23
CA LEU A 248 -7.63 -11.83 0.18
C LEU A 248 -7.72 -13.13 0.98
N ILE A 249 -7.06 -13.09 2.11
CA ILE A 249 -7.04 -14.18 3.10
C ILE A 249 -7.24 -13.55 4.45
N SER A 250 -8.22 -13.98 5.19
CA SER A 250 -8.58 -13.36 6.51
C SER A 250 -7.64 -13.71 7.62
N PRO A 251 -7.60 -12.92 8.68
CA PRO A 251 -6.73 -13.26 9.82
C PRO A 251 -7.11 -14.60 10.39
N THR A 252 -8.37 -15.02 10.34
CA THR A 252 -8.71 -16.31 10.91
C THR A 252 -8.02 -17.42 10.07
N VAL A 253 -8.01 -17.31 8.77
CA VAL A 253 -7.38 -18.32 7.93
C VAL A 253 -5.90 -18.26 8.10
N LEU A 254 -5.31 -17.10 8.26
CA LEU A 254 -3.90 -17.05 8.47
C LEU A 254 -3.47 -17.78 9.76
N LYS A 255 -4.20 -17.54 10.83
CA LYS A 255 -3.93 -18.18 12.10
C LYS A 255 -4.09 -19.67 11.99
N GLU A 256 -5.13 -20.12 11.35
CA GLU A 256 -5.36 -21.55 11.15
C GLU A 256 -4.21 -22.22 10.45
N ASN A 257 -3.51 -21.48 9.62
CA ASN A 257 -2.43 -21.98 8.83
C ASN A 257 -1.05 -21.63 9.35
N GLY A 258 -1.02 -20.99 10.48
CA GLY A 258 0.29 -20.74 11.10
C GLY A 258 1.09 -19.64 10.48
N ILE A 259 0.46 -18.72 9.77
CA ILE A 259 1.20 -17.64 9.13
C ILE A 259 1.43 -16.55 10.11
N PRO A 260 2.69 -16.14 10.35
CA PRO A 260 2.89 -15.03 11.29
CA PRO A 260 2.91 -15.02 11.26
C PRO A 260 2.41 -13.72 10.65
N PHE A 261 1.69 -12.91 11.41
CA PHE A 261 1.20 -11.61 10.91
C PHE A 261 0.86 -10.74 12.10
N ASN A 262 0.69 -9.44 11.80
CA ASN A 262 0.24 -8.51 12.73
C ASN A 262 -0.80 -7.61 12.14
N ARG A 263 -1.52 -6.88 12.99
CA ARG A 263 -2.55 -5.95 12.55
C ARG A 263 -2.47 -4.65 13.30
N ILE A 264 -2.96 -3.56 12.65
CA ILE A 264 -3.00 -2.24 13.28
C ILE A 264 -3.97 -1.37 12.55
N THR A 265 -4.58 -0.42 13.24
CA THR A 265 -5.49 0.53 12.62
C THR A 265 -4.84 1.88 12.52
N GLN A 266 -4.85 2.49 11.31
CA GLN A 266 -4.32 3.81 11.05
C GLN A 266 -5.50 4.79 11.09
N GLU A 267 -5.28 5.94 11.75
CA GLU A 267 -6.26 7.00 11.86
C GLU A 267 -5.80 8.22 11.10
N ALA A 268 -6.73 9.09 10.81
CA ALA A 268 -6.38 10.28 10.08
C ALA A 268 -5.29 11.04 10.82
N GLY A 269 -4.35 11.57 10.05
CA GLY A 269 -3.23 12.32 10.56
C GLY A 269 -2.01 11.47 10.88
N GLU A 270 -2.03 10.19 10.57
CA GLU A 270 -0.95 9.27 10.80
C GLU A 270 -0.36 8.73 9.51
N PHE A 271 0.97 8.51 9.54
CA PHE A 271 1.67 7.84 8.46
C PHE A 271 1.85 6.40 8.80
N MET A 272 1.88 5.56 7.71
CA MET A 272 2.30 4.17 7.78
C MET A 272 3.40 4.01 6.77
N VAL A 273 4.45 3.30 7.14
CA VAL A 273 5.51 2.91 6.23
C VAL A 273 5.54 1.38 6.11
N THR A 274 5.50 0.91 4.85
CA THR A 274 5.76 -0.49 4.56
C THR A 274 7.18 -0.70 4.14
N PHE A 275 7.81 -1.76 4.56
CA PHE A 275 9.20 -2.03 4.31
C PHE A 275 9.35 -3.06 3.20
N PRO A 276 10.52 -3.14 2.57
CA PRO A 276 10.70 -4.05 1.45
C PRO A 276 10.33 -5.50 1.85
N TYR A 277 9.50 -6.03 0.96
CA TYR A 277 9.06 -7.42 1.01
C TYR A 277 8.18 -7.67 2.21
N GLY A 278 7.52 -6.63 2.71
CA GLY A 278 6.50 -6.73 3.73
C GLY A 278 5.12 -6.85 3.08
N TYR A 279 4.58 -8.05 3.03
CA TYR A 279 3.25 -8.26 2.49
C TYR A 279 2.22 -7.60 3.35
N HIS A 280 1.25 -6.90 2.74
CA HIS A 280 0.24 -6.19 3.50
C HIS A 280 -1.08 -6.25 2.76
N ALA A 281 -2.17 -6.08 3.52
CA ALA A 281 -3.53 -6.06 3.02
C ALA A 281 -4.33 -5.26 4.00
N GLY A 282 -5.55 -4.89 3.67
CA GLY A 282 -6.37 -4.17 4.65
C GLY A 282 -7.64 -3.63 4.08
N PHE A 283 -8.35 -2.84 4.89
CA PHE A 283 -9.65 -2.33 4.48
C PHE A 283 -9.92 -0.95 5.11
N ASN A 284 -10.80 -0.17 4.53
CA ASN A 284 -11.24 1.13 5.01
C ASN A 284 -12.52 1.04 5.81
N HIS A 285 -12.58 1.80 6.86
CA HIS A 285 -13.72 1.84 7.75
C HIS A 285 -14.89 2.66 7.28
N GLY A 286 -14.69 3.54 6.31
CA GLY A 286 -15.63 4.52 5.92
C GLY A 286 -14.97 5.45 4.92
N PHE A 287 -15.63 6.56 4.60
CA PHE A 287 -15.05 7.56 3.68
C PHE A 287 -13.72 8.07 4.19
N ASN A 288 -12.74 8.01 3.31
CA ASN A 288 -11.45 8.59 3.65
C ASN A 288 -10.61 8.93 2.43
N CYS A 289 -9.51 9.59 2.64
CA CYS A 289 -8.59 9.97 1.61
C CYS A 289 -7.23 9.77 2.11
N ALA A 290 -6.43 9.01 1.36
CA ALA A 290 -5.01 8.73 1.64
C ALA A 290 -4.15 9.14 0.48
N GLU A 291 -2.89 9.39 0.78
CA GLU A 291 -1.88 9.68 -0.25
C GLU A 291 -0.73 8.76 -0.04
N ALA A 292 -0.17 8.19 -1.08
CA ALA A 292 0.92 7.21 -0.94
C ALA A 292 1.90 7.36 -2.03
N ILE A 293 3.12 6.93 -1.75
CA ILE A 293 4.14 6.89 -2.75
C ILE A 293 5.13 5.78 -2.36
N ASN A 294 5.75 5.19 -3.39
CA ASN A 294 6.87 4.29 -3.15
C ASN A 294 8.18 5.01 -2.98
N PHE A 295 9.11 4.46 -2.23
CA PHE A 295 10.40 5.04 -2.08
C PHE A 295 11.44 3.96 -1.83
N ALA A 296 12.71 4.38 -1.94
CA ALA A 296 13.88 3.48 -1.79
C ALA A 296 14.84 4.09 -0.78
N THR A 297 15.68 3.20 -0.31
CA THR A 297 16.83 3.48 0.50
C THR A 297 17.93 2.54 0.02
N PRO A 298 19.15 2.82 0.57
CA PRO A 298 20.22 1.89 0.19
C PRO A 298 19.91 0.43 0.52
N ARG A 299 19.24 0.18 1.61
CA ARG A 299 18.93 -1.17 2.01
C ARG A 299 17.97 -1.88 1.04
N TRP A 300 17.21 -1.11 0.29
CA TRP A 300 16.31 -1.68 -0.67
C TRP A 300 17.00 -2.35 -1.85
N ILE A 301 18.17 -1.87 -2.25
CA ILE A 301 18.72 -2.33 -3.52
C ILE A 301 18.76 -3.85 -3.55
N ASP A 302 19.14 -4.51 -2.49
CA ASP A 302 19.21 -5.96 -2.52
C ASP A 302 17.85 -6.63 -2.70
N TYR A 303 16.82 -6.02 -2.16
CA TYR A 303 15.46 -6.50 -2.34
C TYR A 303 15.04 -6.27 -3.80
N GLY A 304 15.36 -5.14 -4.38
CA GLY A 304 14.95 -4.97 -5.75
C GLY A 304 15.64 -5.96 -6.69
N LYS A 305 16.85 -6.34 -6.42
CA LYS A 305 17.57 -7.33 -7.24
C LYS A 305 16.89 -8.71 -7.21
N MET A 306 16.23 -9.01 -6.12
CA MET A 306 15.64 -10.33 -5.91
C MET A 306 14.14 -10.39 -6.11
N ALA A 307 13.52 -9.24 -6.33
CA ALA A 307 12.06 -9.21 -6.37
C ALA A 307 11.51 -10.11 -7.47
N SER A 308 10.46 -10.86 -7.10
CA SER A 308 9.79 -11.66 -8.06
C SER A 308 9.03 -10.80 -9.05
N GLN A 309 8.81 -11.27 -10.26
CA GLN A 309 8.05 -10.50 -11.20
C GLN A 309 6.89 -11.24 -11.84
N CYS A 310 5.83 -10.50 -12.14
CA CYS A 310 4.74 -11.04 -12.93
C CYS A 310 5.11 -10.84 -14.41
N SER A 311 5.21 -11.86 -15.18
CA SER A 311 5.34 -11.69 -16.66
C SER A 311 4.20 -12.30 -17.43
N CYS A 312 3.05 -12.59 -16.76
CA CYS A 312 1.91 -13.16 -17.48
C CYS A 312 1.08 -12.13 -18.11
N GLY A 313 1.36 -10.85 -17.90
CA GLY A 313 0.53 -9.84 -18.49
C GLY A 313 -0.34 -9.10 -17.52
N GLU A 314 -0.77 -9.79 -16.47
CA GLU A 314 -1.88 -9.28 -15.67
C GLU A 314 -1.45 -8.06 -14.85
N ALA A 315 -0.27 -8.01 -14.30
CA ALA A 315 -0.01 -6.91 -13.45
C ALA A 315 0.71 -5.87 -14.33
N ARG A 316 0.10 -5.13 -15.23
CA ARG A 316 0.93 -4.09 -15.90
C ARG A 316 1.24 -2.91 -14.98
N VAL A 317 2.44 -2.32 -15.14
CA VAL A 317 2.84 -1.20 -14.27
C VAL A 317 3.60 -0.05 -14.98
N THR A 318 3.95 0.93 -14.13
CA THR A 318 4.62 2.19 -14.45
C THR A 318 5.78 1.98 -15.42
N PHE A 319 5.97 2.87 -16.37
CA PHE A 319 7.12 2.67 -17.22
C PHE A 319 8.32 3.04 -16.36
N SER A 320 8.09 3.67 -15.20
CA SER A 320 9.23 3.90 -14.27
CA SER A 320 9.25 3.92 -14.41
C SER A 320 9.82 2.55 -13.87
N MET A 321 8.89 1.63 -13.88
CA MET A 321 9.49 0.31 -13.33
CA MET A 321 9.54 0.23 -13.32
C MET A 321 10.51 -0.46 -14.38
N ASP A 322 10.29 -0.14 -15.64
CA ASP A 322 11.15 -0.65 -16.72
C ASP A 322 12.62 -0.50 -16.39
N ALA A 323 13.09 0.66 -15.99
CA ALA A 323 14.48 0.84 -15.78
C ALA A 323 14.87 0.04 -14.60
N PHE A 324 14.04 -0.09 -13.58
CA PHE A 324 14.47 -0.80 -12.41
CA PHE A 324 14.49 -0.83 -12.40
C PHE A 324 14.76 -2.29 -12.77
N VAL A 325 13.88 -2.91 -13.54
CA VAL A 325 14.08 -4.27 -14.00
C VAL A 325 15.37 -4.33 -14.88
N ARG A 326 15.46 -3.43 -15.82
CA ARG A 326 16.54 -3.40 -16.77
C ARG A 326 17.91 -3.38 -16.13
N ILE A 327 18.03 -2.56 -15.11
CA ILE A 327 19.33 -2.38 -14.40
C ILE A 327 19.51 -3.48 -13.32
N LEU A 328 18.50 -3.73 -12.48
CA LEU A 328 18.70 -4.63 -11.34
C LEU A 328 18.53 -6.09 -11.74
N GLN A 329 17.74 -6.38 -12.80
N GLN A 329 17.71 -6.37 -12.76
CA GLN A 329 17.41 -7.76 -13.11
CA GLN A 329 17.41 -7.73 -13.14
C GLN A 329 17.58 -8.02 -14.60
C GLN A 329 17.54 -7.85 -14.64
N PRO A 330 18.77 -7.77 -15.14
CA PRO A 330 18.91 -7.84 -16.59
C PRO A 330 18.57 -9.17 -17.15
N GLU A 331 18.85 -10.23 -16.41
CA GLU A 331 18.40 -11.59 -17.08
CA GLU A 331 18.42 -11.61 -17.04
C GLU A 331 16.80 -11.74 -17.26
N ARG A 332 16.08 -11.19 -16.33
CA ARG A 332 14.63 -11.21 -16.36
C ARG A 332 14.02 -10.21 -17.30
N TYR A 333 14.74 -9.17 -17.66
CA TYR A 333 14.22 -8.06 -18.45
C TYR A 333 13.39 -8.44 -19.68
N ASP A 334 14.07 -9.07 -20.60
CA ASP A 334 13.52 -9.69 -21.88
CA ASP A 334 13.52 -9.69 -21.91
C ASP A 334 11.93 -10.25 -21.76
N LEU A 335 11.86 -11.15 -20.77
CA LEU A 335 10.64 -11.87 -20.42
C LEU A 335 9.60 -10.96 -19.71
N TRP A 336 10.09 -10.11 -18.85
CA TRP A 336 9.19 -9.23 -18.15
C TRP A 336 8.64 -8.24 -19.20
N LYS A 337 9.49 -7.76 -20.15
CA LYS A 337 9.17 -6.62 -21.05
C LYS A 337 8.04 -7.11 -21.88
N ARG A 338 8.14 -8.38 -22.26
CA ARG A 338 7.05 -9.06 -22.98
C ARG A 338 5.65 -9.01 -22.20
N GLY A 339 5.64 -9.38 -20.90
CA GLY A 339 4.51 -9.09 -20.02
C GLY A 339 3.86 -7.75 -20.24
N GLN A 340 4.65 -6.67 -20.32
CA GLN A 340 4.15 -5.32 -20.57
C GLN A 340 4.04 -5.01 -22.11
#